data_4X4A
#
_entry.id   4X4A
#
_cell.length_a   99.257
_cell.length_b   99.257
_cell.length_c   130.599
_cell.angle_alpha   90.000
_cell.angle_beta   90.000
_cell.angle_gamma   120.000
#
_symmetry.space_group_name_H-M   'H 3'
#
loop_
_entity.id
_entity.type
_entity.pdbx_description
1 polymer Anhydrosialidase
2 non-polymer '2-ACETYLAMINO-7-(1,2-DIHYDROXY-ETHYL)-3-HYDROXY-6,8-DIOXA-BICYCLO[3.2.1]OCTANE-5-CARBOXYLIC ACID'
3 non-polymer GLYCEROL
4 non-polymer 'PHOSPHATE ION'
5 non-polymer 'ACETYL GROUP'
6 water water
#
_entity_poly.entity_id   1
_entity_poly.type   'polypeptide(L)'
_entity_poly.pdbx_seq_one_letter_code
;GAMADIGSNIFYAGDATKSNYFRIPSLLALDSGTVIAAADARYGGTHDAKSKINTAFAKSTDGGKTWGQPTLPLKFDDYV
AKNIDWPRDSVGKNVQIQGSASYIDPVLLEDKETHRVFLFADMMPAGIGSSNASVGSGFKEVDGKKYLKLHWKDDAAGTY
DYSVRENGTIYNDTTNSATEYSVDGEYNLYKNGNAMLCKQYDYNFEGTKLLETQTDTDVNMNVFYKDADFKVFPTTYLAM
KYSDDEGETWSDLQIVSTFKPEESKFLVLGPGVGKQIANGEHAGRLIVPLYSKSSAELGFMYSDDHGNNWTYVEADQNTG
GATAEAQIVEMPDGSLKTYLRTGSGYIAQVMSTDGGETWSERVPLTEIATTGYGTQLSVINYSQPVDGKPAILLSAPNAT
NGRKNGKIWIGLISETGNSGKDKYSVDWKYCYSVDTPQMGYSYSCLTELPDGEIGLLYEKYDSWSRNELHLKNILKYERF
NIDELKVQP
;
_entity_poly.pdbx_strand_id   A
#
# COMPACT_ATOMS: atom_id res chain seq x y z
N ALA A 2 -29.01 -3.65 -7.15
CA ALA A 2 -29.42 -3.73 -5.70
C ALA A 2 -28.94 -5.07 -5.17
N MET A 3 -28.20 -5.11 -4.04
CA MET A 3 -27.50 -6.34 -3.58
C MET A 3 -27.78 -6.77 -2.15
N ALA A 4 -27.62 -8.08 -1.92
CA ALA A 4 -27.48 -8.66 -0.58
C ALA A 4 -26.09 -9.17 -0.49
N SER A 8 -20.20 -9.19 6.00
CA SER A 8 -20.05 -7.85 6.59
C SER A 8 -18.97 -7.01 5.88
N ASN A 9 -19.21 -5.69 5.83
CA ASN A 9 -18.58 -4.75 4.97
C ASN A 9 -18.15 -3.50 5.77
N ILE A 10 -16.97 -2.96 5.45
CA ILE A 10 -16.54 -1.65 5.94
C ILE A 10 -16.67 -0.70 4.72
N PHE A 11 -16.05 -1.11 3.64
CA PHE A 11 -16.14 -0.42 2.35
C PHE A 11 -17.13 -1.24 1.48
N TYR A 12 -18.00 -0.54 0.73
CA TYR A 12 -18.97 -1.23 -0.10
C TYR A 12 -19.50 -0.26 -1.18
N ALA A 13 -20.01 -0.86 -2.27
CA ALA A 13 -20.58 -0.15 -3.40
C ALA A 13 -21.78 0.63 -2.91
N GLY A 14 -21.71 1.96 -3.02
CA GLY A 14 -22.77 2.88 -2.51
C GLY A 14 -22.37 3.63 -1.26
N ASP A 15 -21.15 3.37 -0.77
CA ASP A 15 -20.65 4.15 0.37
C ASP A 15 -20.16 5.49 -0.09
N ALA A 16 -19.62 6.26 0.85
CA ALA A 16 -19.19 7.64 0.60
C ALA A 16 -17.99 7.85 -0.32
N THR A 17 -17.23 6.78 -0.62
CA THR A 17 -16.14 6.87 -1.54
C THR A 17 -16.59 7.04 -2.98
N LYS A 18 -17.85 6.62 -3.27
CA LYS A 18 -18.42 6.60 -4.65
C LYS A 18 -17.72 5.61 -5.54
N SER A 19 -16.97 4.64 -4.95
CA SER A 19 -16.41 3.58 -5.81
C SER A 19 -17.27 2.33 -5.75
N ASN A 20 -17.42 1.66 -6.89
CA ASN A 20 -18.10 0.38 -6.89
C ASN A 20 -17.22 -0.78 -6.47
N TYR A 21 -15.88 -0.57 -6.48
CA TYR A 21 -14.89 -1.66 -6.26
C TYR A 21 -13.82 -1.28 -5.25
N PHE A 22 -13.36 -2.30 -4.50
CA PHE A 22 -12.27 -2.14 -3.54
C PHE A 22 -11.37 -3.33 -3.65
N ARG A 23 -10.11 -3.08 -3.29
CA ARG A 23 -9.11 -4.18 -3.16
C ARG A 23 -8.11 -3.68 -2.13
N ILE A 24 -7.23 -4.58 -1.66
CA ILE A 24 -6.01 -4.22 -0.93
C ILE A 24 -6.28 -3.76 0.50
N PRO A 25 -6.76 -4.68 1.37
CA PRO A 25 -7.14 -4.27 2.71
C PRO A 25 -6.00 -3.94 3.63
N SER A 26 -6.27 -2.95 4.48
CA SER A 26 -5.40 -2.60 5.59
C SER A 26 -6.28 -2.39 6.81
N LEU A 27 -5.85 -2.92 7.93
CA LEU A 27 -6.63 -2.94 9.16
C LEU A 27 -5.68 -2.79 10.31
N LEU A 28 -6.01 -1.83 11.20
CA LEU A 28 -5.04 -1.51 12.27
C LEU A 28 -5.78 -1.00 13.51
N ALA A 29 -5.64 -1.74 14.59
CA ALA A 29 -6.06 -1.28 15.91
C ALA A 29 -5.03 -0.32 16.46
N LEU A 30 -5.45 0.85 16.92
CA LEU A 30 -4.58 1.85 17.46
C LEU A 30 -4.41 1.64 18.99
N ASP A 31 -3.38 2.27 19.54
CA ASP A 31 -3.06 2.13 20.96
C ASP A 31 -4.27 2.62 21.78
N SER A 32 -5.02 3.56 21.27
CA SER A 32 -6.17 4.10 22.05
C SER A 32 -7.38 3.15 22.14
N GLY A 33 -7.40 2.09 21.31
CA GLY A 33 -8.56 1.24 21.10
C GLY A 33 -9.44 1.61 19.91
N THR A 34 -9.25 2.77 19.34
CA THR A 34 -9.82 3.11 18.03
C THR A 34 -9.28 2.07 17.02
N VAL A 35 -10.09 1.68 16.04
CA VAL A 35 -9.59 0.74 15.02
C VAL A 35 -9.82 1.48 13.68
N ILE A 36 -8.83 1.41 12.81
CA ILE A 36 -8.89 2.04 11.54
C ILE A 36 -8.66 1.04 10.39
N ALA A 37 -9.08 1.42 9.19
CA ALA A 37 -8.94 0.56 8.04
C ALA A 37 -8.68 1.43 6.83
N ALA A 38 -8.07 0.84 5.80
CA ALA A 38 -7.92 1.55 4.53
C ALA A 38 -7.97 0.50 3.41
N ALA A 39 -8.24 0.94 2.20
CA ALA A 39 -8.29 0.07 1.03
C ALA A 39 -8.14 0.92 -0.22
N ASP A 40 -7.79 0.32 -1.34
CA ASP A 40 -8.00 0.97 -2.58
C ASP A 40 -9.44 1.10 -2.89
N ALA A 41 -9.89 2.32 -3.27
CA ALA A 41 -11.18 2.55 -3.92
C ALA A 41 -10.90 2.54 -5.44
N ARG A 42 -11.13 1.38 -6.06
CA ARG A 42 -10.83 1.15 -7.48
C ARG A 42 -12.13 1.47 -8.29
N TYR A 43 -12.16 2.68 -8.86
CA TYR A 43 -13.35 3.14 -9.57
C TYR A 43 -13.58 2.37 -10.87
N GLY A 44 -12.51 2.19 -11.63
CA GLY A 44 -12.56 1.53 -12.95
C GLY A 44 -12.40 0.04 -12.95
N GLY A 45 -13.33 -0.64 -12.28
CA GLY A 45 -13.28 -2.04 -11.98
C GLY A 45 -12.15 -2.34 -11.04
N THR A 46 -11.81 -3.62 -10.92
CA THR A 46 -10.74 -4.04 -10.05
C THR A 46 -9.31 -3.99 -10.58
N HIS A 47 -9.10 -3.34 -11.74
CA HIS A 47 -7.77 -3.22 -12.29
C HIS A 47 -6.79 -2.50 -11.39
N ASP A 48 -5.54 -2.95 -11.42
CA ASP A 48 -4.44 -2.21 -10.82
C ASP A 48 -4.23 -0.92 -11.65
N ALA A 49 -3.43 -0.02 -11.13
CA ALA A 49 -3.03 1.15 -11.87
C ALA A 49 -2.22 0.59 -13.08
N LYS A 50 -2.25 1.20 -14.28
CA LYS A 50 -3.00 2.41 -14.57
C LYS A 50 -4.52 2.26 -14.50
N SER A 51 -5.11 3.15 -13.76
CA SER A 51 -6.58 3.23 -13.55
C SER A 51 -6.91 4.56 -12.90
N LYS A 52 -8.12 4.64 -12.36
CA LYS A 52 -8.50 5.64 -11.39
C LYS A 52 -8.76 4.98 -10.05
N ILE A 53 -7.80 5.20 -9.16
CA ILE A 53 -7.84 4.68 -7.76
C ILE A 53 -7.53 5.77 -6.76
N ASN A 54 -8.33 5.82 -5.68
CA ASN A 54 -8.10 6.70 -4.52
C ASN A 54 -7.92 5.79 -3.31
N THR A 55 -7.23 6.27 -2.28
CA THR A 55 -7.19 5.53 -1.03
C THR A 55 -8.32 5.85 -0.09
N ALA A 56 -9.16 4.85 0.25
CA ALA A 56 -10.26 5.01 1.25
C ALA A 56 -9.80 4.71 2.62
N PHE A 57 -10.52 5.30 3.57
CA PHE A 57 -10.13 5.22 4.96
C PHE A 57 -11.40 5.14 5.78
N ALA A 58 -11.41 4.31 6.83
CA ALA A 58 -12.58 4.26 7.72
C ALA A 58 -12.19 4.00 9.15
N LYS A 59 -13.11 4.36 10.08
CA LYS A 59 -12.74 4.26 11.47
C LYS A 59 -13.88 3.71 12.35
N SER A 60 -13.48 2.90 13.31
CA SER A 60 -14.40 2.34 14.33
C SER A 60 -13.98 2.87 15.71
N THR A 61 -14.96 3.43 16.45
CA THR A 61 -14.69 3.84 17.83
C THR A 61 -15.34 2.94 18.91
N ASP A 62 -15.83 1.78 18.53
CA ASP A 62 -16.36 0.79 19.47
C ASP A 62 -15.59 -0.51 19.43
N GLY A 63 -14.29 -0.43 19.12
CA GLY A 63 -13.41 -1.61 19.24
C GLY A 63 -13.37 -2.47 17.99
N GLY A 64 -13.83 -1.88 16.88
CA GLY A 64 -13.85 -2.55 15.57
C GLY A 64 -15.10 -3.39 15.35
N LYS A 65 -16.18 -3.02 16.01
CA LYS A 65 -17.47 -3.72 15.87
C LYS A 65 -18.31 -3.09 14.79
N THR A 66 -18.42 -1.77 14.78
CA THR A 66 -19.10 -1.04 13.75
C THR A 66 -18.20 0.09 13.23
N TRP A 67 -18.48 0.49 11.99
CA TRP A 67 -17.62 1.40 11.23
C TRP A 67 -18.33 2.65 10.72
N GLY A 68 -17.65 3.78 10.77
CA GLY A 68 -18.13 5.03 10.22
C GLY A 68 -18.05 5.04 8.71
N GLN A 69 -18.65 6.08 8.13
N GLN A 69 -18.66 6.04 8.10
CA GLN A 69 -18.55 6.48 6.74
CA GLN A 69 -18.61 6.17 6.66
C GLN A 69 -17.07 6.59 6.32
C GLN A 69 -17.17 6.56 6.27
N PRO A 70 -16.68 5.97 5.17
CA PRO A 70 -15.29 6.15 4.72
C PRO A 70 -15.01 7.54 4.19
N THR A 71 -13.74 7.91 4.31
CA THR A 71 -13.23 9.14 3.73
C THR A 71 -12.17 8.79 2.71
N LEU A 72 -11.66 9.78 1.99
CA LEU A 72 -10.61 9.55 0.99
C LEU A 72 -9.38 10.42 1.22
N PRO A 73 -8.48 10.00 2.11
CA PRO A 73 -7.36 10.90 2.43
C PRO A 73 -6.35 11.11 1.36
N LEU A 74 -6.25 10.14 0.46
CA LEU A 74 -5.36 10.28 -0.65
C LEU A 74 -6.19 10.11 -1.91
N LYS A 75 -6.36 11.23 -2.60
CA LYS A 75 -7.21 11.25 -3.78
C LYS A 75 -6.71 12.20 -4.81
N PHE A 76 -6.95 11.83 -6.06
CA PHE A 76 -6.73 12.74 -7.16
C PHE A 76 -8.07 13.16 -7.75
N ASP A 77 -8.04 14.31 -8.41
CA ASP A 77 -9.26 14.87 -9.00
C ASP A 77 -9.26 15.01 -10.54
N ASP A 78 -8.23 14.50 -11.21
CA ASP A 78 -8.18 14.60 -12.66
C ASP A 78 -9.35 13.90 -13.32
N TYR A 79 -9.77 12.77 -12.75
CA TYR A 79 -10.94 12.04 -13.21
C TYR A 79 -11.92 12.03 -12.08
N VAL A 80 -13.22 12.05 -12.42
CA VAL A 80 -14.26 12.08 -11.39
C VAL A 80 -14.25 10.74 -10.59
N ALA A 81 -14.63 10.81 -9.32
CA ALA A 81 -14.97 9.61 -8.53
C ALA A 81 -16.47 9.35 -8.68
N LYS A 82 -16.82 8.20 -9.22
CA LYS A 82 -18.22 7.83 -9.37
C LYS A 82 -18.40 6.34 -9.35
N ASN A 83 -19.62 5.92 -9.08
CA ASN A 83 -20.06 4.53 -9.13
C ASN A 83 -20.37 4.17 -10.57
N ILE A 84 -19.59 3.26 -11.11
CA ILE A 84 -19.79 2.74 -12.46
C ILE A 84 -19.65 1.23 -12.49
N ASP A 85 -20.56 0.54 -13.21
CA ASP A 85 -20.44 -0.88 -13.43
C ASP A 85 -19.48 -1.20 -14.57
N TRP A 86 -18.39 -1.87 -14.24
CA TRP A 86 -17.41 -2.24 -15.23
C TRP A 86 -17.84 -3.48 -15.96
N PRO A 87 -17.65 -3.49 -17.27
CA PRO A 87 -18.10 -4.67 -17.98
C PRO A 87 -17.29 -5.88 -17.68
N ARG A 88 -17.93 -7.04 -17.79
CA ARG A 88 -17.31 -8.30 -17.46
C ARG A 88 -17.31 -9.34 -18.58
N ASP A 89 -17.64 -8.90 -19.78
CA ASP A 89 -17.43 -9.72 -20.99
C ASP A 89 -16.00 -9.88 -21.36
N SER A 90 -15.72 -10.78 -22.30
CA SER A 90 -14.36 -11.19 -22.60
C SER A 90 -13.48 -10.11 -23.22
N VAL A 91 -14.10 -9.06 -23.77
CA VAL A 91 -13.41 -7.92 -24.31
C VAL A 91 -13.42 -6.74 -23.29
N GLY A 92 -14.60 -6.29 -22.85
CA GLY A 92 -14.72 -5.14 -22.00
C GLY A 92 -14.01 -5.30 -20.65
N LYS A 93 -13.90 -6.52 -20.18
CA LYS A 93 -13.30 -6.75 -18.84
C LYS A 93 -11.88 -6.29 -18.85
N ASN A 94 -11.21 -6.31 -20.03
CA ASN A 94 -9.79 -5.99 -20.07
C ASN A 94 -9.53 -4.52 -20.20
N VAL A 95 -10.59 -3.74 -20.40
CA VAL A 95 -10.47 -2.30 -20.60
C VAL A 95 -10.14 -1.57 -19.29
N GLN A 96 -9.13 -0.68 -19.35
CA GLN A 96 -8.65 0.10 -18.18
C GLN A 96 -8.64 1.57 -18.53
N ILE A 97 -9.00 2.37 -17.56
CA ILE A 97 -8.83 3.81 -17.68
C ILE A 97 -7.36 4.12 -17.99
N GLN A 98 -7.14 4.90 -19.07
CA GLN A 98 -5.83 5.16 -19.58
C GLN A 98 -5.15 6.42 -19.06
N GLY A 99 -5.88 7.41 -18.65
CA GLY A 99 -5.25 8.75 -18.52
C GLY A 99 -5.33 9.36 -17.15
N SER A 100 -5.60 8.53 -16.13
CA SER A 100 -5.82 9.01 -14.74
C SER A 100 -4.60 8.68 -13.84
N ALA A 101 -4.33 9.62 -12.94
CA ALA A 101 -3.44 9.44 -11.80
C ALA A 101 -4.11 8.53 -10.77
N SER A 102 -3.29 7.93 -9.92
N SER A 102 -3.28 7.80 -10.00
CA SER A 102 -3.88 7.06 -8.88
CA SER A 102 -3.83 6.90 -8.93
C SER A 102 -2.99 6.86 -7.68
C SER A 102 -2.98 6.89 -7.67
N TYR A 103 -3.66 6.58 -6.56
CA TYR A 103 -3.06 6.07 -5.32
C TYR A 103 -3.44 4.61 -5.16
N ILE A 104 -2.44 3.75 -4.90
CA ILE A 104 -2.66 2.34 -4.89
C ILE A 104 -1.81 1.70 -3.82
N ASP A 105 -2.39 0.67 -3.16
CA ASP A 105 -1.71 -0.23 -2.27
C ASP A 105 -1.34 0.45 -0.91
N PRO A 106 -2.30 0.56 -0.02
CA PRO A 106 -2.01 1.27 1.24
C PRO A 106 -1.26 0.48 2.32
N VAL A 107 -0.58 1.26 3.15
CA VAL A 107 0.00 0.79 4.39
C VAL A 107 -0.38 1.76 5.49
N LEU A 108 -0.89 1.23 6.57
CA LEU A 108 -1.13 2.01 7.78
C LEU A 108 -0.08 1.68 8.87
N LEU A 109 0.30 2.68 9.65
CA LEU A 109 1.26 2.51 10.74
C LEU A 109 0.96 3.58 11.82
N GLU A 110 1.02 3.18 13.06
CA GLU A 110 0.95 4.10 14.20
C GLU A 110 2.30 4.24 14.91
N ASP A 111 2.68 5.48 15.21
CA ASP A 111 3.79 5.69 16.17
C ASP A 111 3.10 5.88 17.54
N LYS A 112 3.27 4.87 18.36
CA LYS A 112 2.63 4.82 19.68
C LYS A 112 3.26 5.78 20.68
N GLU A 113 4.48 6.27 20.40
CA GLU A 113 5.15 7.22 21.28
C GLU A 113 4.63 8.63 21.12
N THR A 114 4.30 9.00 19.89
CA THR A 114 3.76 10.29 19.57
C THR A 114 2.23 10.28 19.30
N HIS A 115 1.61 9.09 19.16
CA HIS A 115 0.25 8.89 18.69
C HIS A 115 -0.07 9.58 17.37
N ARG A 116 0.76 9.29 16.40
CA ARG A 116 0.62 9.81 15.05
C ARG A 116 0.39 8.57 14.18
N VAL A 117 -0.62 8.69 13.31
CA VAL A 117 -0.99 7.68 12.32
C VAL A 117 -0.45 8.08 11.01
N PHE A 118 0.26 7.17 10.32
CA PHE A 118 0.75 7.38 8.96
C PHE A 118 0.01 6.48 8.01
N LEU A 119 -0.32 7.05 6.85
CA LEU A 119 -0.96 6.34 5.75
C LEU A 119 -0.07 6.56 4.54
N PHE A 120 0.43 5.46 3.99
CA PHE A 120 1.25 5.45 2.81
C PHE A 120 0.47 4.85 1.67
N ALA A 121 0.73 5.34 0.45
CA ALA A 121 0.25 4.64 -0.75
C ALA A 121 1.25 4.88 -1.86
N ASP A 122 1.28 3.95 -2.82
CA ASP A 122 1.95 4.24 -4.09
C ASP A 122 1.22 5.41 -4.77
N MET A 123 2.00 6.30 -5.38
CA MET A 123 1.50 7.49 -6.07
C MET A 123 1.91 7.45 -7.56
N MET A 124 0.92 7.24 -8.40
CA MET A 124 1.13 6.98 -9.79
C MET A 124 0.69 8.17 -10.64
N PRO A 125 1.63 8.77 -11.37
CA PRO A 125 1.23 9.78 -12.37
C PRO A 125 0.22 9.27 -13.37
N ALA A 126 -0.45 10.20 -14.06
CA ALA A 126 -1.50 9.83 -14.98
C ALA A 126 -1.02 8.78 -15.99
N GLY A 127 -1.84 7.75 -16.18
CA GLY A 127 -1.52 6.64 -17.08
C GLY A 127 -0.43 5.70 -16.67
N ILE A 128 0.06 5.80 -15.43
CA ILE A 128 1.14 4.99 -14.98
C ILE A 128 0.65 3.97 -13.95
N GLY A 129 1.24 2.75 -14.05
CA GLY A 129 1.24 1.80 -12.96
C GLY A 129 2.65 1.21 -12.90
N SER A 130 2.83 0.19 -12.05
CA SER A 130 4.13 -0.36 -11.84
C SER A 130 4.64 -0.94 -13.17
N SER A 131 3.75 -1.51 -13.97
CA SER A 131 4.22 -2.29 -15.13
C SER A 131 4.73 -1.41 -16.28
N ASN A 132 4.27 -0.16 -16.36
CA ASN A 132 4.74 0.80 -17.39
C ASN A 132 5.42 2.07 -16.88
N ALA A 133 5.88 2.01 -15.64
CA ALA A 133 6.72 3.02 -15.06
C ALA A 133 8.09 3.10 -15.72
N SER A 134 8.61 4.32 -15.86
CA SER A 134 9.95 4.55 -16.42
C SER A 134 11.02 4.39 -15.34
N VAL A 135 12.21 3.93 -15.76
CA VAL A 135 13.32 3.72 -14.90
C VAL A 135 13.93 5.06 -14.52
N GLY A 136 14.19 5.26 -13.23
CA GLY A 136 14.66 6.52 -12.73
C GLY A 136 14.04 6.86 -11.37
N SER A 137 14.65 7.81 -10.67
CA SER A 137 14.14 8.21 -9.36
C SER A 137 12.97 9.21 -9.41
N GLY A 138 12.88 10.05 -10.46
CA GLY A 138 11.92 11.18 -10.44
C GLY A 138 12.52 12.44 -9.83
N PHE A 139 13.73 12.30 -9.28
CA PHE A 139 14.44 13.42 -8.64
C PHE A 139 15.67 13.78 -9.40
N LYS A 140 16.05 15.06 -9.31
CA LYS A 140 17.32 15.46 -9.75
C LYS A 140 18.09 16.12 -8.60
N GLU A 141 19.39 16.23 -8.78
CA GLU A 141 20.29 16.95 -7.84
C GLU A 141 20.67 18.30 -8.41
N VAL A 142 20.38 19.36 -7.66
CA VAL A 142 20.85 20.69 -7.97
C VAL A 142 21.77 21.07 -6.80
N ASP A 143 23.05 21.19 -7.14
N ASP A 143 23.05 21.27 -7.10
CA ASP A 143 24.11 21.50 -6.19
CA ASP A 143 24.03 21.60 -6.06
C ASP A 143 24.02 20.64 -4.93
C ASP A 143 24.03 20.62 -4.87
N GLY A 144 23.88 19.32 -5.13
CA GLY A 144 23.91 18.32 -4.03
C GLY A 144 22.55 18.01 -3.40
N LYS A 145 21.58 18.91 -3.55
CA LYS A 145 20.23 18.66 -3.02
C LYS A 145 19.28 18.01 -4.07
N LYS A 146 18.54 17.00 -3.60
CA LYS A 146 17.49 16.32 -4.41
C LYS A 146 16.17 17.06 -4.43
N TYR A 147 15.65 17.35 -5.63
CA TYR A 147 14.41 17.96 -5.80
C TYR A 147 13.59 17.17 -6.82
N LEU A 148 12.28 17.24 -6.65
CA LEU A 148 11.38 16.59 -7.60
C LEU A 148 11.55 17.31 -8.99
N LYS A 149 11.83 16.54 -10.02
CA LYS A 149 12.01 17.19 -11.37
C LYS A 149 10.71 17.38 -12.10
N LEU A 150 10.66 18.42 -12.96
CA LEU A 150 9.48 18.73 -13.70
C LEU A 150 9.81 19.04 -15.17
N HIS A 151 8.87 18.62 -16.01
CA HIS A 151 8.89 18.84 -17.48
C HIS A 151 7.93 19.93 -17.79
N TRP A 152 8.42 21.00 -18.43
CA TRP A 152 7.59 22.06 -18.88
C TRP A 152 6.95 21.70 -20.23
N LYS A 153 5.71 22.13 -20.44
CA LYS A 153 4.89 21.69 -21.62
C LYS A 153 5.49 22.01 -22.99
N ASP A 154 6.31 23.04 -23.04
CA ASP A 154 6.90 23.42 -24.33
C ASP A 154 8.31 22.99 -24.50
N ASP A 155 8.85 22.15 -23.59
CA ASP A 155 10.14 21.61 -23.76
C ASP A 155 10.06 20.23 -24.47
N ALA A 156 11.21 19.79 -25.00
CA ALA A 156 11.39 18.44 -25.53
C ALA A 156 10.91 17.40 -24.50
N ALA A 157 10.25 16.33 -25.01
CA ALA A 157 9.67 15.27 -24.14
C ALA A 157 10.60 14.71 -23.06
N GLY A 158 11.85 14.50 -23.42
CA GLY A 158 12.84 13.98 -22.51
C GLY A 158 13.47 15.01 -21.54
N THR A 159 13.08 16.26 -21.64
CA THR A 159 13.74 17.36 -20.93
C THR A 159 12.94 17.78 -19.66
N TYR A 160 13.60 17.66 -18.49
CA TYR A 160 13.06 18.06 -17.17
C TYR A 160 14.00 19.19 -16.62
N ASP A 161 13.80 20.39 -17.13
CA ASP A 161 14.75 21.48 -16.82
C ASP A 161 14.29 22.27 -15.61
N TYR A 162 13.33 21.71 -14.85
CA TYR A 162 12.64 22.44 -13.73
C TYR A 162 12.57 21.54 -12.49
N SER A 163 12.45 22.19 -11.34
CA SER A 163 12.50 21.46 -10.04
C SER A 163 11.56 22.16 -9.08
N VAL A 164 11.01 21.37 -8.16
CA VAL A 164 10.21 21.89 -7.03
C VAL A 164 11.22 22.03 -5.91
N ARG A 165 11.50 23.25 -5.51
CA ARG A 165 12.44 23.42 -4.39
C ARG A 165 11.76 23.54 -3.03
N GLU A 166 12.58 23.68 -1.98
CA GLU A 166 12.10 23.50 -0.58
C GLU A 166 11.02 24.54 -0.25
N ASN A 167 11.12 25.67 -0.97
CA ASN A 167 10.04 26.66 -1.14
C ASN A 167 8.61 26.19 -1.41
N GLY A 168 8.45 25.16 -2.28
CA GLY A 168 7.23 24.95 -3.10
C GLY A 168 7.36 25.66 -4.47
N THR A 169 8.39 26.49 -4.61
CA THR A 169 8.57 27.32 -5.81
C THR A 169 9.24 26.44 -6.86
N ILE A 170 8.76 26.56 -8.08
CA ILE A 170 9.38 25.86 -9.23
C ILE A 170 10.49 26.72 -9.80
N TYR A 171 11.65 26.12 -9.93
CA TYR A 171 12.84 26.78 -10.43
C TYR A 171 13.21 26.23 -11.81
N ASN A 172 13.72 27.13 -12.61
CA ASN A 172 14.41 26.75 -13.82
C ASN A 172 15.79 26.41 -13.46
N ASP A 173 16.16 25.15 -13.67
CA ASP A 173 17.46 24.69 -13.29
C ASP A 173 18.58 25.06 -14.27
N THR A 174 18.25 25.50 -15.48
CA THR A 174 19.34 25.88 -16.41
C THR A 174 19.87 27.26 -16.01
N THR A 175 19.03 28.10 -15.47
CA THR A 175 19.45 29.40 -14.99
C THR A 175 19.48 29.54 -13.51
N ASN A 176 19.04 28.51 -12.81
CA ASN A 176 18.88 28.58 -11.37
C ASN A 176 18.07 29.74 -10.86
N SER A 177 16.93 30.02 -11.45
CA SER A 177 16.16 31.12 -11.01
C SER A 177 14.72 30.70 -10.82
N ALA A 178 14.06 31.28 -9.85
CA ALA A 178 12.71 30.99 -9.54
C ALA A 178 11.77 31.41 -10.66
N THR A 179 10.74 30.59 -10.92
CA THR A 179 9.77 30.92 -11.96
C THR A 179 8.60 31.61 -11.24
N GLU A 180 7.55 31.95 -11.97
CA GLU A 180 6.29 32.42 -11.37
C GLU A 180 5.38 31.27 -10.87
N TYR A 181 5.81 30.03 -11.10
CA TYR A 181 5.02 28.86 -10.72
C TYR A 181 5.43 28.25 -9.39
N SER A 182 4.44 27.63 -8.76
CA SER A 182 4.71 26.92 -7.48
C SER A 182 3.71 25.83 -7.32
N VAL A 183 3.94 24.94 -6.34
CA VAL A 183 2.91 23.97 -5.97
C VAL A 183 2.47 24.19 -4.52
N ASP A 184 1.24 23.84 -4.21
CA ASP A 184 0.82 23.84 -2.80
C ASP A 184 1.15 22.47 -2.18
N GLY A 185 0.65 22.24 -0.97
CA GLY A 185 0.98 21.04 -0.21
C GLY A 185 0.34 19.79 -0.77
N GLU A 186 -0.51 19.90 -1.78
CA GLU A 186 -1.10 18.77 -2.47
C GLU A 186 -0.49 18.53 -3.94
N TYR A 187 0.52 19.33 -4.26
CA TYR A 187 1.23 19.30 -5.58
C TYR A 187 0.36 19.87 -6.67
N ASN A 188 -0.64 20.65 -6.26
CA ASN A 188 -1.41 21.44 -7.20
C ASN A 188 -0.59 22.65 -7.67
N LEU A 189 -0.86 23.07 -8.91
CA LEU A 189 -0.03 24.09 -9.60
C LEU A 189 -0.68 25.48 -9.51
N TYR A 190 0.20 26.47 -9.29
CA TYR A 190 -0.19 27.89 -9.12
C TYR A 190 0.75 28.71 -9.95
N LYS A 191 0.20 29.79 -10.53
CA LYS A 191 1.00 30.77 -11.27
C LYS A 191 0.71 32.17 -10.67
N ASN A 192 1.74 32.84 -10.19
N ASN A 192 1.79 32.87 -10.30
CA ASN A 192 1.52 34.15 -9.61
CA ASN A 192 1.72 34.10 -9.49
C ASN A 192 0.69 34.10 -8.33
C ASN A 192 0.59 34.01 -8.47
N GLY A 193 0.68 32.94 -7.68
CA GLY A 193 -0.26 32.66 -6.57
C GLY A 193 -1.71 32.35 -6.94
N ASN A 194 -2.03 32.27 -8.23
CA ASN A 194 -3.40 31.90 -8.65
C ASN A 194 -3.45 30.40 -8.99
N ALA A 195 -4.44 29.69 -8.46
CA ALA A 195 -4.63 28.28 -8.83
C ALA A 195 -4.79 28.11 -10.33
N MET A 196 -3.95 27.28 -10.92
CA MET A 196 -4.11 26.82 -12.31
C MET A 196 -5.11 25.70 -12.35
N LEU A 197 -5.97 25.70 -13.36
CA LEU A 197 -7.09 24.80 -13.48
C LEU A 197 -7.05 23.98 -14.76
N CYS A 198 -7.73 22.82 -14.73
CA CYS A 198 -7.95 22.00 -15.94
C CYS A 198 -9.34 21.37 -15.80
N LYS A 199 -9.85 20.87 -16.90
CA LYS A 199 -11.13 20.19 -16.86
C LYS A 199 -11.00 18.73 -16.39
N GLN A 200 -11.96 18.34 -15.58
CA GLN A 200 -12.05 16.96 -15.04
C GLN A 200 -12.57 16.05 -16.13
N TYR A 201 -12.06 14.80 -16.20
CA TYR A 201 -12.56 13.79 -17.10
C TYR A 201 -13.61 12.91 -16.48
N ASP A 202 -14.59 12.57 -17.30
CA ASP A 202 -15.53 11.51 -17.03
C ASP A 202 -15.14 10.26 -17.87
N TYR A 203 -15.79 9.16 -17.56
CA TYR A 203 -15.55 7.85 -18.19
C TYR A 203 -16.88 7.13 -18.23
N ASN A 204 -17.22 6.65 -19.44
CA ASN A 204 -18.45 5.99 -19.69
C ASN A 204 -18.22 4.99 -20.77
N PHE A 205 -18.95 3.88 -20.74
CA PHE A 205 -18.82 2.88 -21.79
C PHE A 205 -19.94 3.03 -22.84
N GLU A 206 -19.60 2.72 -24.09
CA GLU A 206 -20.60 2.45 -25.14
C GLU A 206 -20.21 1.10 -25.71
N GLY A 207 -21.00 0.10 -25.42
CA GLY A 207 -20.61 -1.29 -25.59
C GLY A 207 -19.35 -1.48 -24.81
N THR A 208 -18.29 -1.91 -25.49
CA THR A 208 -17.02 -2.19 -24.85
C THR A 208 -16.02 -1.05 -25.07
N LYS A 209 -16.46 0.03 -25.71
CA LYS A 209 -15.67 1.25 -25.90
C LYS A 209 -15.75 2.11 -24.66
N LEU A 210 -14.58 2.39 -24.09
CA LEU A 210 -14.45 3.28 -22.97
C LEU A 210 -14.17 4.70 -23.45
N LEU A 211 -15.07 5.62 -23.14
CA LEU A 211 -14.91 7.02 -23.56
C LEU A 211 -14.44 7.86 -22.39
N GLU A 212 -13.21 8.34 -22.49
CA GLU A 212 -12.67 9.25 -21.44
C GLU A 212 -12.78 10.67 -22.02
N THR A 213 -13.62 11.49 -21.44
CA THR A 213 -13.98 12.77 -22.06
C THR A 213 -13.91 13.87 -21.07
N GLN A 214 -13.44 15.05 -21.50
CA GLN A 214 -13.45 16.22 -20.60
C GLN A 214 -14.85 16.65 -20.26
N THR A 215 -15.06 17.06 -19.02
CA THR A 215 -16.31 17.66 -18.66
C THR A 215 -16.07 19.18 -18.62
N ASP A 216 -17.06 19.89 -18.12
CA ASP A 216 -16.94 21.31 -17.93
C ASP A 216 -16.56 21.69 -16.50
N THR A 217 -16.32 20.68 -15.63
CA THR A 217 -15.99 20.92 -14.23
C THR A 217 -14.51 21.21 -14.11
N ASP A 218 -14.18 22.32 -13.48
CA ASP A 218 -12.78 22.71 -13.29
C ASP A 218 -12.26 22.03 -12.04
N VAL A 219 -11.02 21.57 -12.12
CA VAL A 219 -10.25 21.08 -10.96
C VAL A 219 -8.89 21.75 -10.93
N ASN A 220 -8.25 21.76 -9.77
CA ASN A 220 -6.87 22.14 -9.65
C ASN A 220 -6.01 21.32 -10.60
N MET A 221 -5.17 22.00 -11.35
CA MET A 221 -4.16 21.38 -12.16
C MET A 221 -3.04 20.89 -11.24
N ASN A 222 -2.62 19.64 -11.44
CA ASN A 222 -1.66 18.98 -10.54
C ASN A 222 -0.53 18.43 -11.41
N VAL A 223 0.67 18.49 -10.91
CA VAL A 223 1.84 18.00 -11.65
C VAL A 223 1.84 16.50 -11.94
N PHE A 224 0.90 15.76 -11.34
CA PHE A 224 0.70 14.34 -11.57
C PHE A 224 -0.30 14.03 -12.68
N TYR A 225 -0.87 15.07 -13.30
CA TYR A 225 -1.93 14.89 -14.27
C TYR A 225 -1.46 14.87 -15.69
N LYS A 226 -2.31 14.37 -16.58
CA LYS A 226 -1.91 14.20 -17.95
C LYS A 226 -1.88 15.62 -18.58
N ASP A 227 -2.76 16.50 -18.12
CA ASP A 227 -3.05 17.76 -18.79
C ASP A 227 -2.20 18.94 -18.24
N ALA A 228 -1.14 18.66 -17.46
CA ALA A 228 -0.55 19.74 -16.64
C ALA A 228 0.58 20.49 -17.38
N ASP A 229 0.76 21.77 -17.08
CA ASP A 229 1.80 22.56 -17.71
C ASP A 229 3.17 22.18 -17.26
N PHE A 230 3.27 21.69 -16.00
CA PHE A 230 4.47 21.00 -15.59
C PHE A 230 4.10 19.58 -15.11
N LYS A 231 4.96 18.62 -15.44
CA LYS A 231 4.65 17.22 -15.17
C LYS A 231 5.83 16.49 -14.59
N VAL A 232 5.56 15.58 -13.64
CA VAL A 232 6.60 14.77 -13.08
C VAL A 232 7.07 13.69 -14.07
N PHE A 233 8.18 13.12 -13.75
CA PHE A 233 8.76 12.00 -14.45
C PHE A 233 7.80 10.77 -14.22
N PRO A 234 7.50 10.01 -15.28
CA PRO A 234 6.43 8.99 -15.18
C PRO A 234 6.95 7.67 -14.61
N THR A 235 7.21 7.71 -13.32
CA THR A 235 7.68 6.54 -12.62
C THR A 235 6.74 6.45 -11.41
N THR A 236 7.02 5.46 -10.56
CA THR A 236 6.25 5.30 -9.30
C THR A 236 6.83 6.16 -8.16
N TYR A 237 5.97 6.69 -7.34
CA TYR A 237 6.35 7.51 -6.17
C TYR A 237 5.73 6.86 -4.94
N LEU A 238 6.30 7.17 -3.80
CA LEU A 238 5.67 6.80 -2.49
C LEU A 238 5.16 8.04 -1.81
N ALA A 239 3.85 8.04 -1.51
CA ALA A 239 3.17 9.16 -0.86
C ALA A 239 2.88 8.80 0.57
N MET A 240 2.89 9.82 1.43
CA MET A 240 2.49 9.62 2.78
C MET A 240 1.73 10.87 3.30
N LYS A 241 0.71 10.61 4.12
CA LYS A 241 0.12 11.65 5.02
C LYS A 241 0.02 11.12 6.45
N TYR A 242 0.09 12.02 7.42
CA TYR A 242 0.00 11.64 8.79
C TYR A 242 -1.16 12.36 9.44
N SER A 243 -1.63 11.77 10.54
CA SER A 243 -2.76 12.34 11.28
C SER A 243 -2.45 12.31 12.72
N ASP A 244 -2.69 13.44 13.37
CA ASP A 244 -2.52 13.48 14.86
C ASP A 244 -3.87 13.39 15.62
N ASP A 245 -4.93 13.05 14.92
CA ASP A 245 -6.29 12.98 15.47
C ASP A 245 -7.06 11.77 14.94
N GLU A 246 -6.30 10.67 14.78
CA GLU A 246 -6.88 9.40 14.41
C GLU A 246 -7.66 9.50 13.11
N GLY A 247 -7.17 10.30 12.19
CA GLY A 247 -7.76 10.36 10.88
C GLY A 247 -8.90 11.29 10.69
N GLU A 248 -9.13 12.21 11.64
CA GLU A 248 -10.06 13.32 11.36
C GLU A 248 -9.46 14.30 10.37
N THR A 249 -8.19 14.67 10.54
CA THR A 249 -7.52 15.56 9.62
C THR A 249 -6.18 14.94 9.24
N TRP A 250 -5.71 15.36 8.08
CA TRP A 250 -4.42 14.86 7.53
C TRP A 250 -3.48 15.98 7.17
N SER A 251 -2.20 15.68 7.22
CA SER A 251 -1.13 16.56 6.82
C SER A 251 -1.15 16.75 5.33
N ASP A 252 -0.30 17.68 4.86
CA ASP A 252 0.02 17.85 3.44
C ASP A 252 0.63 16.51 2.93
N LEU A 253 0.58 16.30 1.61
CA LEU A 253 1.14 15.16 0.96
C LEU A 253 2.66 15.20 1.04
N GLN A 254 3.27 14.12 1.49
CA GLN A 254 4.66 13.97 1.52
C GLN A 254 5.11 12.96 0.49
N ILE A 255 6.00 13.36 -0.40
CA ILE A 255 6.62 12.37 -1.32
C ILE A 255 7.90 11.89 -0.69
N VAL A 256 7.89 10.63 -0.23
CA VAL A 256 8.97 10.11 0.56
C VAL A 256 9.97 9.28 -0.26
N SER A 257 9.73 9.15 -1.54
CA SER A 257 10.60 8.28 -2.34
C SER A 257 11.80 9.00 -3.00
N THR A 258 12.34 9.99 -2.30
CA THR A 258 13.52 10.68 -2.73
C THR A 258 14.70 9.73 -2.93
N PHE A 259 14.69 8.63 -2.17
CA PHE A 259 15.70 7.57 -2.23
C PHE A 259 15.61 6.51 -3.35
N LYS A 260 14.63 6.68 -4.22
CA LYS A 260 14.30 5.69 -5.24
C LYS A 260 15.54 5.50 -6.07
N PRO A 261 16.08 4.26 -6.15
CA PRO A 261 17.30 4.07 -6.95
C PRO A 261 17.12 4.45 -8.43
N GLU A 262 18.15 5.10 -8.94
CA GLU A 262 18.09 5.55 -10.31
C GLU A 262 17.91 4.40 -11.30
N GLU A 263 18.40 3.22 -10.95
CA GLU A 263 18.27 2.00 -11.76
C GLU A 263 16.92 1.30 -11.58
N SER A 264 16.08 1.78 -10.67
CA SER A 264 14.83 1.04 -10.43
C SER A 264 13.76 1.47 -11.41
N LYS A 265 12.95 0.50 -11.85
CA LYS A 265 11.75 0.77 -12.64
C LYS A 265 10.64 1.25 -11.70
N PHE A 266 10.32 0.38 -10.74
CA PHE A 266 9.33 0.75 -9.69
C PHE A 266 9.87 0.43 -8.32
N LEU A 267 9.35 1.16 -7.34
CA LEU A 267 9.65 0.92 -5.95
C LEU A 267 8.38 1.32 -5.20
N VAL A 268 7.73 0.30 -4.64
CA VAL A 268 6.37 0.38 -4.15
C VAL A 268 6.26 -0.32 -2.78
N LEU A 269 5.10 -0.20 -2.18
CA LEU A 269 4.79 -0.71 -0.88
C LEU A 269 4.38 -2.19 -0.86
N GLY A 270 4.78 -2.90 0.22
CA GLY A 270 4.13 -4.16 0.61
C GLY A 270 2.86 -3.85 1.42
N PRO A 271 1.67 -3.97 0.80
CA PRO A 271 0.46 -3.46 1.51
C PRO A 271 0.04 -4.14 2.75
N GLY A 272 -0.65 -3.40 3.64
CA GLY A 272 -1.03 -3.97 4.89
C GLY A 272 -0.73 -2.98 5.98
N VAL A 273 0.11 -3.39 6.96
CA VAL A 273 0.57 -2.49 7.98
C VAL A 273 2.08 -2.41 8.06
N GLY A 274 2.57 -1.31 8.66
CA GLY A 274 3.96 -1.25 9.07
C GLY A 274 4.16 -1.72 10.48
N LYS A 275 5.37 -1.57 10.97
CA LYS A 275 5.66 -2.02 12.34
C LYS A 275 6.44 -0.96 13.11
N GLN A 276 6.11 -0.73 14.38
CA GLN A 276 6.99 0.00 15.27
C GLN A 276 7.63 -0.98 16.24
N ILE A 277 8.96 -0.97 16.29
CA ILE A 277 9.71 -1.86 17.17
C ILE A 277 9.45 -1.55 18.62
N ALA A 278 9.06 -2.56 19.38
CA ALA A 278 8.69 -2.38 20.78
C ALA A 278 9.85 -2.61 21.74
N ASN A 279 10.75 -3.54 21.39
CA ASN A 279 11.77 -4.08 22.34
C ASN A 279 13.16 -3.88 21.79
N GLY A 280 14.17 -3.93 22.68
CA GLY A 280 15.59 -3.93 22.30
C GLY A 280 16.15 -2.59 21.86
N GLU A 281 17.27 -2.70 21.19
CA GLU A 281 18.16 -1.60 20.85
C GLU A 281 17.41 -0.59 19.94
N HIS A 282 16.53 -1.10 19.08
CA HIS A 282 15.89 -0.23 18.11
C HIS A 282 14.43 0.03 18.45
N ALA A 283 14.03 -0.14 19.74
CA ALA A 283 12.67 0.24 20.16
C ALA A 283 12.33 1.63 19.68
N GLY A 284 11.08 1.82 19.21
CA GLY A 284 10.68 3.08 18.64
C GLY A 284 10.84 3.32 17.14
N ARG A 285 11.66 2.52 16.50
CA ARG A 285 11.86 2.61 15.07
C ARG A 285 10.58 2.20 14.35
N LEU A 286 10.23 2.99 13.35
CA LEU A 286 9.10 2.76 12.43
C LEU A 286 9.68 2.12 11.17
N ILE A 287 9.08 1.04 10.74
CA ILE A 287 9.57 0.36 9.54
C ILE A 287 8.42 -0.10 8.66
N VAL A 288 8.61 0.09 7.36
CA VAL A 288 7.58 -0.17 6.36
C VAL A 288 8.19 -1.02 5.22
N PRO A 289 7.47 -2.06 4.77
CA PRO A 289 8.05 -2.93 3.75
C PRO A 289 7.82 -2.39 2.34
N LEU A 290 8.77 -2.68 1.46
CA LEU A 290 8.71 -2.22 0.10
C LEU A 290 9.16 -3.33 -0.84
N TYR A 291 8.94 -3.16 -2.12
CA TYR A 291 9.61 -4.01 -3.11
C TYR A 291 9.83 -3.27 -4.40
N SER A 292 10.74 -3.83 -5.22
CA SER A 292 11.20 -3.14 -6.38
C SER A 292 11.59 -4.10 -7.53
N LYS A 293 11.60 -3.49 -8.71
CA LYS A 293 12.38 -3.99 -9.86
C LYS A 293 13.65 -3.13 -9.96
N SER A 294 14.79 -3.67 -9.47
CA SER A 294 15.95 -2.84 -9.18
C SER A 294 17.13 -3.79 -8.99
N SER A 295 18.21 -3.22 -8.41
CA SER A 295 19.35 -3.96 -7.78
C SER A 295 18.87 -4.98 -6.76
N ALA A 296 17.77 -4.61 -6.09
CA ALA A 296 17.13 -5.40 -5.10
C ALA A 296 15.60 -5.56 -5.36
N GLU A 297 15.06 -6.56 -4.70
CA GLU A 297 13.66 -6.88 -4.80
C GLU A 297 12.95 -6.49 -3.50
N LEU A 298 13.17 -7.24 -2.44
CA LEU A 298 12.68 -6.83 -1.14
C LEU A 298 13.44 -5.60 -0.58
N GLY A 299 12.72 -4.66 0.02
CA GLY A 299 13.36 -3.55 0.68
C GLY A 299 12.49 -3.01 1.79
N PHE A 300 13.03 -2.05 2.51
CA PHE A 300 12.26 -1.40 3.64
C PHE A 300 12.59 0.05 3.68
N MET A 301 11.73 0.81 4.39
CA MET A 301 12.13 2.17 4.72
C MET A 301 11.84 2.28 6.24
N TYR A 302 12.76 2.91 6.97
CA TYR A 302 12.63 3.09 8.35
C TYR A 302 12.92 4.54 8.80
N SER A 303 12.37 4.84 9.96
CA SER A 303 12.57 6.11 10.63
C SER A 303 12.87 5.94 12.11
N ASP A 304 13.95 6.59 12.54
CA ASP A 304 14.33 6.72 13.91
C ASP A 304 13.99 8.02 14.60
N ASP A 305 13.36 8.94 13.89
CA ASP A 305 13.04 10.23 14.42
C ASP A 305 11.54 10.47 14.34
N HIS A 306 10.74 9.39 14.51
CA HIS A 306 9.29 9.55 14.61
C HIS A 306 8.65 10.01 13.30
N GLY A 307 9.25 9.57 12.19
CA GLY A 307 8.61 9.81 10.94
C GLY A 307 8.98 10.97 10.10
N ASN A 308 9.88 11.83 10.61
CA ASN A 308 10.30 12.95 9.83
C ASN A 308 11.25 12.57 8.72
N ASN A 309 12.13 11.64 8.96
CA ASN A 309 13.07 11.21 7.92
C ASN A 309 13.00 9.69 7.73
N TRP A 310 13.25 9.25 6.49
CA TRP A 310 13.11 7.83 6.14
C TRP A 310 14.31 7.35 5.36
N THR A 311 14.83 6.24 5.80
CA THR A 311 16.00 5.58 5.20
C THR A 311 15.59 4.31 4.47
N TYR A 312 16.03 4.22 3.20
CA TYR A 312 15.75 3.04 2.35
C TYR A 312 16.84 1.97 2.58
N VAL A 313 16.41 0.72 2.77
CA VAL A 313 17.21 -0.46 2.98
C VAL A 313 16.86 -1.48 1.86
N GLU A 314 17.88 -1.97 1.17
CA GLU A 314 17.72 -3.07 0.19
C GLU A 314 17.97 -4.32 0.96
N ALA A 315 17.11 -5.34 0.84
CA ALA A 315 17.21 -6.55 1.71
C ALA A 315 17.86 -7.74 1.02
N ASP A 316 18.11 -7.57 -0.24
CA ASP A 316 18.67 -8.67 -1.10
C ASP A 316 19.33 -8.05 -2.31
N GLN A 317 19.87 -8.91 -3.17
N GLN A 317 19.79 -8.92 -3.22
CA GLN A 317 20.35 -8.49 -4.49
CA GLN A 317 20.38 -8.49 -4.50
C GLN A 317 19.66 -9.35 -5.53
C GLN A 317 19.62 -9.02 -5.71
N ASN A 318 18.32 -9.28 -5.49
CA ASN A 318 17.48 -10.01 -6.44
C ASN A 318 17.03 -8.99 -7.48
N THR A 319 17.27 -9.28 -8.75
CA THR A 319 16.90 -8.38 -9.82
C THR A 319 15.56 -8.81 -10.51
N GLY A 320 14.90 -9.82 -9.95
CA GLY A 320 13.67 -10.39 -10.53
C GLY A 320 12.51 -9.42 -10.75
N GLY A 321 12.39 -8.40 -9.92
CA GLY A 321 11.20 -7.58 -10.01
C GLY A 321 9.89 -8.33 -9.72
N ALA A 322 9.94 -9.40 -8.96
CA ALA A 322 8.72 -10.15 -8.55
C ALA A 322 7.90 -9.24 -7.58
N THR A 323 6.66 -9.63 -7.33
CA THR A 323 5.80 -8.87 -6.40
C THR A 323 6.07 -9.35 -4.97
N ALA A 324 7.20 -8.88 -4.40
CA ALA A 324 7.71 -9.35 -3.15
C ALA A 324 7.11 -8.55 -1.99
N GLU A 325 5.79 -8.60 -1.91
CA GLU A 325 5.04 -7.99 -0.80
C GLU A 325 5.34 -8.68 0.50
N ALA A 326 5.68 -7.90 1.53
CA ALA A 326 6.11 -8.43 2.82
C ALA A 326 5.34 -7.84 3.95
N GLN A 327 5.28 -8.56 5.05
CA GLN A 327 4.82 -8.02 6.35
C GLN A 327 5.73 -8.49 7.47
N ILE A 328 5.79 -7.70 8.54
CA ILE A 328 6.87 -7.83 9.52
C ILE A 328 6.35 -8.11 10.87
N VAL A 329 7.00 -9.04 11.61
CA VAL A 329 6.66 -9.23 13.00
C VAL A 329 7.91 -9.16 13.85
N GLU A 330 7.71 -8.91 15.14
CA GLU A 330 8.83 -8.71 16.03
C GLU A 330 8.99 -9.93 16.94
N MET A 331 10.24 -10.41 17.07
CA MET A 331 10.56 -11.41 18.11
C MET A 331 10.71 -10.81 19.53
N PRO A 332 10.69 -11.66 20.59
CA PRO A 332 10.63 -11.07 21.95
C PRO A 332 11.83 -10.15 22.32
N ASP A 333 12.98 -10.34 21.65
CA ASP A 333 14.17 -9.52 21.91
C ASP A 333 14.25 -8.26 21.07
N GLY A 334 13.25 -8.02 20.22
CA GLY A 334 13.35 -6.94 19.24
C GLY A 334 13.88 -7.26 17.86
N SER A 335 14.41 -8.46 17.61
CA SER A 335 14.79 -8.83 16.27
C SER A 335 13.49 -8.95 15.45
N LEU A 336 13.64 -8.92 14.15
CA LEU A 336 12.52 -8.90 13.22
C LEU A 336 12.50 -10.12 12.33
N LYS A 337 11.28 -10.59 12.04
CA LYS A 337 11.09 -11.66 11.09
C LYS A 337 10.09 -11.13 10.06
N THR A 338 10.44 -11.18 8.78
CA THR A 338 9.57 -10.77 7.73
C THR A 338 9.17 -11.96 6.92
N TYR A 339 7.87 -12.04 6.65
CA TYR A 339 7.28 -13.01 5.77
C TYR A 339 6.91 -12.33 4.49
N LEU A 340 7.21 -12.95 3.37
CA LEU A 340 7.04 -12.31 2.08
C LEU A 340 6.53 -13.25 0.96
N ARG A 341 5.76 -12.66 0.07
CA ARG A 341 5.46 -13.23 -1.18
C ARG A 341 6.72 -13.23 -2.06
N THR A 342 6.81 -14.19 -2.99
CA THR A 342 7.89 -14.19 -3.98
C THR A 342 7.31 -14.60 -5.30
N GLY A 343 8.13 -14.61 -6.35
CA GLY A 343 7.70 -15.19 -7.62
C GLY A 343 8.24 -16.59 -7.86
N SER A 344 8.58 -17.31 -6.80
CA SER A 344 9.24 -18.63 -6.84
C SER A 344 8.40 -19.79 -6.35
N GLY A 345 7.14 -19.53 -5.97
CA GLY A 345 6.22 -20.58 -5.60
C GLY A 345 6.28 -20.99 -4.16
N TYR A 346 6.84 -20.11 -3.31
CA TYR A 346 6.69 -20.22 -1.89
C TYR A 346 6.66 -18.83 -1.21
N ILE A 347 6.12 -18.81 0.00
CA ILE A 347 6.29 -17.71 0.94
C ILE A 347 7.73 -17.86 1.53
N ALA A 348 8.48 -16.76 1.61
CA ALA A 348 9.85 -16.80 2.14
C ALA A 348 9.87 -16.04 3.44
N GLN A 349 10.92 -16.28 4.25
CA GLN A 349 11.04 -15.61 5.50
C GLN A 349 12.48 -15.12 5.54
N VAL A 350 12.66 -13.92 6.07
CA VAL A 350 14.01 -13.35 6.29
C VAL A 350 14.05 -12.73 7.69
N MET A 351 15.25 -12.65 8.29
CA MET A 351 15.40 -12.21 9.67
C MET A 351 16.37 -11.03 9.70
N SER A 352 16.22 -10.22 10.72
CA SER A 352 17.12 -9.07 10.99
C SER A 352 17.34 -8.96 12.46
N THR A 353 18.61 -8.90 12.85
CA THR A 353 18.95 -8.60 14.25
C THR A 353 19.44 -7.19 14.52
N ASP A 354 19.33 -6.26 13.55
CA ASP A 354 19.74 -4.90 13.69
C ASP A 354 18.59 -3.94 13.26
N GLY A 355 17.38 -4.32 13.64
CA GLY A 355 16.24 -3.42 13.49
C GLY A 355 15.92 -3.18 12.02
N GLY A 356 16.29 -4.11 11.12
CA GLY A 356 15.93 -4.00 9.78
C GLY A 356 16.94 -3.39 8.84
N GLU A 357 18.17 -3.14 9.32
CA GLU A 357 19.24 -2.57 8.45
C GLU A 357 19.83 -3.64 7.55
N THR A 358 19.93 -4.84 8.06
CA THR A 358 20.41 -5.97 7.27
C THR A 358 19.50 -7.15 7.51
N TRP A 359 19.45 -8.03 6.50
CA TRP A 359 18.54 -9.18 6.50
C TRP A 359 19.21 -10.49 6.05
N SER A 360 18.80 -11.59 6.65
CA SER A 360 19.30 -12.93 6.21
C SER A 360 18.80 -13.26 4.80
N GLU A 361 19.38 -14.28 4.22
CA GLU A 361 18.89 -14.78 2.94
C GLU A 361 17.50 -15.39 3.15
N ARG A 362 16.73 -15.45 2.08
CA ARG A 362 15.36 -16.10 2.20
C ARG A 362 15.40 -17.59 2.51
N VAL A 363 14.50 -18.01 3.41
CA VAL A 363 14.24 -19.42 3.81
C VAL A 363 12.79 -19.67 3.33
N PRO A 364 12.54 -20.69 2.49
CA PRO A 364 11.13 -21.00 2.24
C PRO A 364 10.33 -21.32 3.46
N LEU A 365 9.04 -20.94 3.47
CA LEU A 365 8.12 -21.37 4.49
C LEU A 365 7.34 -22.59 3.95
N THR A 366 7.55 -23.79 4.52
CA THR A 366 6.99 -24.98 3.88
C THR A 366 5.54 -25.26 4.18
N GLU A 367 5.04 -24.66 5.25
CA GLU A 367 3.67 -24.96 5.74
C GLU A 367 2.55 -24.55 4.78
N ILE A 368 2.80 -23.52 3.98
CA ILE A 368 1.76 -22.90 3.11
C ILE A 368 1.98 -23.10 1.63
N ALA A 369 0.90 -23.53 0.96
CA ALA A 369 0.92 -23.74 -0.45
C ALA A 369 0.56 -22.43 -1.12
N THR A 370 1.27 -22.07 -2.17
CA THR A 370 0.94 -20.87 -2.93
C THR A 370 1.21 -21.11 -4.39
N THR A 371 0.86 -20.10 -5.18
CA THR A 371 1.00 -20.14 -6.58
C THR A 371 2.37 -19.64 -6.96
N GLY A 372 2.70 -19.76 -8.22
CA GLY A 372 3.95 -19.27 -8.74
C GLY A 372 4.05 -17.77 -8.71
N TYR A 373 2.91 -17.07 -8.87
CA TYR A 373 2.88 -15.60 -8.82
C TYR A 373 2.74 -15.09 -7.36
N GLY A 374 2.19 -15.93 -6.49
CA GLY A 374 2.07 -15.61 -5.07
C GLY A 374 0.88 -14.67 -4.79
N THR A 375 0.64 -14.46 -3.49
CA THR A 375 -0.39 -13.56 -3.00
C THR A 375 0.12 -12.86 -1.74
N GLN A 376 -0.30 -11.63 -1.56
CA GLN A 376 -0.03 -10.93 -0.31
C GLN A 376 -0.50 -11.73 0.88
N LEU A 377 0.21 -11.54 1.99
CA LEU A 377 -0.14 -12.19 3.22
C LEU A 377 -0.21 -11.13 4.32
N SER A 378 -0.74 -11.52 5.47
CA SER A 378 -0.74 -10.66 6.63
C SER A 378 -0.16 -11.48 7.80
N VAL A 379 0.79 -10.88 8.52
CA VAL A 379 1.33 -11.45 9.76
C VAL A 379 1.32 -10.35 10.84
N ILE A 380 0.94 -10.70 12.06
CA ILE A 380 0.91 -9.79 13.17
C ILE A 380 1.40 -10.48 14.45
N ASN A 381 1.89 -9.65 15.35
CA ASN A 381 2.10 -10.04 16.76
C ASN A 381 0.79 -10.09 17.48
N TYR A 382 0.71 -10.92 18.49
CA TYR A 382 -0.44 -11.00 19.36
C TYR A 382 0.11 -10.65 20.77
N SER A 383 -0.67 -9.94 21.55
CA SER A 383 -0.21 -9.31 22.77
C SER A 383 -0.21 -10.30 23.94
N GLN A 384 -0.97 -11.39 23.81
CA GLN A 384 -1.17 -12.33 24.95
C GLN A 384 -0.51 -13.63 24.62
N PRO A 385 0.02 -14.35 25.65
CA PRO A 385 0.61 -15.62 25.35
C PRO A 385 -0.50 -16.59 24.90
N VAL A 386 -0.09 -17.52 24.05
CA VAL A 386 -0.89 -18.64 23.60
C VAL A 386 -0.11 -19.89 23.99
N ASP A 387 -0.76 -20.75 24.78
CA ASP A 387 -0.13 -21.96 25.30
C ASP A 387 1.16 -21.62 26.02
N GLY A 388 1.10 -20.54 26.81
CA GLY A 388 2.29 -20.02 27.49
C GLY A 388 3.44 -19.47 26.63
N LYS A 389 3.28 -19.29 25.30
CA LYS A 389 4.36 -18.79 24.47
C LYS A 389 3.95 -17.47 23.72
N PRO A 390 4.95 -16.61 23.45
CA PRO A 390 4.64 -15.50 22.52
C PRO A 390 4.12 -16.05 21.21
N ALA A 391 3.16 -15.33 20.63
CA ALA A 391 2.48 -15.85 19.48
C ALA A 391 2.43 -14.79 18.37
N ILE A 392 2.41 -15.33 17.14
CA ILE A 392 2.11 -14.50 15.95
C ILE A 392 0.95 -15.15 15.19
N LEU A 393 0.34 -14.38 14.25
CA LEU A 393 -0.75 -14.94 13.46
C LEU A 393 -0.50 -14.61 12.01
N LEU A 394 -0.86 -15.50 11.10
CA LEU A 394 -0.60 -15.30 9.69
C LEU A 394 -1.85 -15.67 8.88
N SER A 395 -2.24 -14.81 7.93
CA SER A 395 -3.39 -15.01 7.09
C SER A 395 -2.92 -14.99 5.67
N ALA A 396 -3.38 -16.00 4.91
CA ALA A 396 -2.99 -16.16 3.51
C ALA A 396 -3.85 -17.26 2.88
N PRO A 397 -3.94 -17.24 1.56
CA PRO A 397 -4.51 -18.43 0.85
C PRO A 397 -3.60 -19.62 1.03
N ASN A 398 -4.12 -20.80 0.73
CA ASN A 398 -3.34 -22.09 0.89
C ASN A 398 -3.69 -22.99 -0.28
N ALA A 399 -3.14 -22.73 -1.46
CA ALA A 399 -3.49 -23.46 -2.66
C ALA A 399 -2.43 -23.24 -3.67
N THR A 400 -2.14 -24.28 -4.48
CA THR A 400 -1.15 -24.12 -5.53
C THR A 400 -1.73 -23.61 -6.79
N ASN A 401 -3.05 -23.68 -6.91
CA ASN A 401 -3.77 -23.45 -8.16
C ASN A 401 -4.74 -22.29 -8.34
N GLY A 402 -4.69 -21.31 -7.47
CA GLY A 402 -5.64 -20.24 -7.51
C GLY A 402 -5.54 -19.58 -6.17
N ARG A 403 -6.19 -18.42 -6.00
CA ARG A 403 -6.21 -17.79 -4.71
C ARG A 403 -7.50 -18.21 -3.97
N LYS A 404 -7.37 -19.14 -3.06
CA LYS A 404 -8.53 -19.76 -2.42
C LYS A 404 -8.05 -20.46 -1.15
N ASN A 405 -8.97 -21.05 -0.39
CA ASN A 405 -8.63 -21.84 0.82
C ASN A 405 -7.85 -21.02 1.85
N GLY A 406 -8.36 -19.82 2.14
CA GLY A 406 -7.82 -18.96 3.15
C GLY A 406 -7.71 -19.64 4.52
N LYS A 407 -6.59 -19.40 5.21
CA LYS A 407 -6.35 -19.85 6.56
C LYS A 407 -5.82 -18.72 7.46
N ILE A 408 -6.16 -18.78 8.73
CA ILE A 408 -5.48 -18.05 9.77
C ILE A 408 -4.65 -19.08 10.57
N TRP A 409 -3.35 -18.86 10.64
CA TRP A 409 -2.44 -19.69 11.39
C TRP A 409 -2.00 -19.00 12.65
N ILE A 410 -1.72 -19.78 13.69
CA ILE A 410 -1.12 -19.23 14.88
C ILE A 410 0.23 -19.93 15.00
N GLY A 411 1.26 -19.12 15.19
CA GLY A 411 2.68 -19.61 15.32
C GLY A 411 3.18 -19.26 16.70
N LEU A 412 3.75 -20.25 17.42
CA LEU A 412 4.22 -20.02 18.78
C LEU A 412 5.75 -20.00 18.76
N ILE A 413 6.29 -19.01 19.44
CA ILE A 413 7.71 -18.71 19.29
C ILE A 413 8.50 -19.35 20.46
N SER A 414 9.58 -20.02 20.09
CA SER A 414 10.51 -20.62 21.09
C SER A 414 11.92 -20.19 20.78
N GLU A 415 12.74 -20.12 21.84
CA GLU A 415 14.21 -20.03 21.74
C GLU A 415 14.76 -21.40 21.38
N THR A 416 15.71 -21.44 20.46
CA THR A 416 16.28 -22.65 19.89
C THR A 416 17.55 -23.11 20.65
N GLY A 417 18.01 -22.28 21.59
CA GLY A 417 19.37 -22.41 22.13
C GLY A 417 20.49 -21.81 21.26
N ASN A 418 20.20 -21.46 20.00
CA ASN A 418 21.17 -20.81 19.13
C ASN A 418 21.10 -19.30 19.21
N SER A 419 21.85 -18.65 18.32
CA SER A 419 22.16 -17.24 18.42
C SER A 419 21.84 -16.54 17.10
N GLY A 420 21.77 -15.22 17.17
CA GLY A 420 21.56 -14.41 16.01
C GLY A 420 20.20 -14.69 15.36
N LYS A 421 20.24 -14.86 14.06
CA LYS A 421 19.08 -15.11 13.24
C LYS A 421 18.42 -16.46 13.53
N ASP A 422 19.17 -17.38 14.15
CA ASP A 422 18.70 -18.73 14.52
C ASP A 422 18.21 -18.84 15.92
N LYS A 423 18.08 -17.70 16.61
CA LYS A 423 17.71 -17.70 18.02
C LYS A 423 16.30 -18.28 18.29
N TYR A 424 15.39 -18.04 17.34
CA TYR A 424 13.99 -18.35 17.53
C TYR A 424 13.46 -19.28 16.50
N SER A 425 12.52 -20.14 16.90
CA SER A 425 11.82 -20.99 15.97
C SER A 425 10.33 -20.71 16.12
N VAL A 426 9.57 -20.88 15.03
CA VAL A 426 8.13 -20.67 15.08
C VAL A 426 7.41 -21.99 14.83
N ASP A 427 6.60 -22.42 15.78
CA ASP A 427 5.80 -23.63 15.61
C ASP A 427 4.39 -23.20 15.11
N TRP A 428 4.12 -23.37 13.82
CA TRP A 428 2.75 -23.11 13.30
C TRP A 428 1.82 -24.20 13.77
N LYS A 429 1.35 -24.05 14.99
CA LYS A 429 0.62 -25.10 15.73
C LYS A 429 -0.83 -25.21 15.30
N TYR A 430 -1.43 -24.09 14.93
CA TYR A 430 -2.88 -23.96 14.77
C TYR A 430 -3.14 -23.40 13.38
N CYS A 431 -4.18 -23.91 12.73
CA CYS A 431 -4.58 -23.56 11.36
C CYS A 431 -6.14 -23.58 11.28
N TYR A 432 -6.73 -22.39 11.24
CA TYR A 432 -8.18 -22.19 11.10
C TYR A 432 -8.62 -21.91 9.67
N SER A 433 -9.66 -22.60 9.19
CA SER A 433 -10.07 -22.46 7.78
C SER A 433 -11.13 -21.42 7.77
N VAL A 434 -10.92 -20.42 6.94
CA VAL A 434 -11.89 -19.28 6.91
C VAL A 434 -13.19 -19.75 6.30
N ASP A 435 -13.12 -20.65 5.34
CA ASP A 435 -14.33 -21.15 4.61
C ASP A 435 -14.04 -22.47 3.91
N THR A 436 -14.95 -22.93 3.05
CA THR A 436 -14.74 -24.15 2.30
C THR A 436 -13.52 -23.92 1.41
N PRO A 437 -12.71 -24.97 1.16
CA PRO A 437 -11.39 -24.82 0.47
C PRO A 437 -11.46 -24.24 -0.94
N GLN A 438 -12.62 -24.43 -1.55
N GLN A 438 -12.58 -24.45 -1.66
CA GLN A 438 -12.91 -23.94 -2.88
CA GLN A 438 -12.72 -23.86 -2.99
C GLN A 438 -13.16 -22.41 -2.92
C GLN A 438 -13.23 -22.39 -2.96
N MET A 439 -13.54 -21.82 -1.77
CA MET A 439 -13.95 -20.41 -1.74
C MET A 439 -12.73 -19.52 -1.94
N GLY A 440 -12.88 -18.53 -2.84
CA GLY A 440 -11.78 -17.61 -3.13
C GLY A 440 -11.34 -16.81 -1.92
N TYR A 441 -10.03 -16.52 -1.89
CA TYR A 441 -9.44 -15.80 -0.74
C TYR A 441 -8.16 -15.19 -1.22
N SER A 442 -8.09 -13.86 -1.28
CA SER A 442 -6.90 -13.20 -1.81
C SER A 442 -6.14 -12.39 -0.75
N TYR A 443 -6.06 -11.05 -0.91
CA TYR A 443 -5.30 -10.21 -0.01
C TYR A 443 -6.03 -10.13 1.32
N SER A 444 -5.29 -9.89 2.40
CA SER A 444 -5.89 -9.85 3.73
C SER A 444 -5.10 -8.99 4.70
N CYS A 445 -5.77 -8.53 5.76
CA CYS A 445 -5.03 -7.91 6.82
C CYS A 445 -5.65 -8.22 8.17
N LEU A 446 -4.82 -8.71 9.06
CA LEU A 446 -5.18 -9.01 10.44
C LEU A 446 -4.87 -7.86 11.38
N THR A 447 -5.61 -7.75 12.50
CA THR A 447 -5.25 -6.85 13.58
C THR A 447 -5.75 -7.48 14.85
N GLU A 448 -5.08 -7.14 15.94
CA GLU A 448 -5.59 -7.54 17.25
C GLU A 448 -6.47 -6.39 17.78
N LEU A 449 -7.73 -6.72 17.99
CA LEU A 449 -8.69 -5.71 18.47
C LEU A 449 -8.49 -5.47 20.00
N PRO A 450 -8.98 -4.34 20.50
CA PRO A 450 -8.64 -3.99 21.89
C PRO A 450 -9.18 -4.97 22.96
N ASP A 451 -10.14 -5.81 22.60
CA ASP A 451 -10.62 -6.85 23.53
C ASP A 451 -9.81 -8.16 23.44
N GLY A 452 -8.75 -8.21 22.59
CA GLY A 452 -8.03 -9.43 22.33
C GLY A 452 -8.62 -10.33 21.24
N GLU A 453 -9.74 -9.95 20.67
CA GLU A 453 -10.24 -10.59 19.46
C GLU A 453 -9.33 -10.24 18.26
N ILE A 454 -9.45 -11.03 17.21
CA ILE A 454 -8.69 -10.82 15.99
C ILE A 454 -9.66 -10.33 14.92
N GLY A 455 -9.35 -9.19 14.31
CA GLY A 455 -10.09 -8.69 13.14
C GLY A 455 -9.39 -9.10 11.85
N LEU A 456 -10.18 -9.40 10.82
CA LEU A 456 -9.70 -9.74 9.53
C LEU A 456 -10.53 -8.98 8.44
N LEU A 457 -9.83 -8.26 7.57
CA LEU A 457 -10.40 -7.67 6.39
C LEU A 457 -9.76 -8.30 5.18
N TYR A 458 -10.56 -8.92 4.31
CA TYR A 458 -9.93 -9.74 3.25
C TYR A 458 -10.75 -9.80 2.00
N GLU A 459 -10.08 -10.13 0.92
CA GLU A 459 -10.68 -10.18 -0.39
C GLU A 459 -11.27 -11.58 -0.52
N LYS A 460 -12.59 -11.65 -0.61
CA LYS A 460 -13.31 -12.93 -0.66
C LYS A 460 -13.67 -13.36 -2.07
N TYR A 461 -12.62 -13.51 -2.86
CA TYR A 461 -12.63 -13.93 -4.24
C TYR A 461 -11.18 -14.15 -4.69
N ASP A 462 -10.97 -14.60 -5.90
CA ASP A 462 -9.66 -14.68 -6.47
C ASP A 462 -9.41 -13.42 -7.26
N SER A 463 -8.54 -12.56 -6.72
CA SER A 463 -8.26 -11.26 -7.34
C SER A 463 -7.17 -11.32 -8.39
N TRP A 464 -6.61 -12.50 -8.65
CA TRP A 464 -5.68 -12.66 -9.78
C TRP A 464 -6.45 -13.03 -11.03
N SER A 465 -7.45 -13.91 -10.86
CA SER A 465 -8.11 -14.55 -11.99
C SER A 465 -8.74 -13.56 -12.95
N ARG A 466 -8.49 -13.78 -14.22
CA ARG A 466 -9.13 -13.04 -15.28
C ARG A 466 -10.62 -13.31 -15.44
N ASN A 467 -11.10 -14.33 -14.74
CA ASN A 467 -12.52 -14.63 -14.70
C ASN A 467 -13.27 -14.14 -13.51
N GLU A 468 -12.58 -13.49 -12.56
CA GLU A 468 -13.25 -12.90 -11.39
C GLU A 468 -13.03 -11.39 -11.22
N LEU A 469 -12.70 -10.75 -12.33
CA LEU A 469 -12.49 -9.30 -12.32
C LEU A 469 -13.81 -8.59 -12.04
N HIS A 470 -13.73 -7.42 -11.42
CA HIS A 470 -14.85 -6.51 -11.33
C HIS A 470 -16.08 -7.05 -10.58
N LEU A 471 -15.83 -7.73 -9.46
CA LEU A 471 -16.84 -8.17 -8.51
C LEU A 471 -17.01 -7.12 -7.46
N LYS A 472 -18.23 -6.79 -7.11
CA LYS A 472 -18.57 -5.87 -6.06
C LYS A 472 -18.73 -6.54 -4.70
N ASN A 473 -18.37 -5.78 -3.66
CA ASN A 473 -18.56 -6.06 -2.27
C ASN A 473 -17.90 -7.40 -1.89
N ILE A 474 -16.71 -7.58 -2.34
CA ILE A 474 -15.91 -8.77 -2.01
C ILE A 474 -14.94 -8.56 -0.87
N LEU A 475 -14.85 -7.34 -0.32
CA LEU A 475 -13.99 -7.09 0.82
C LEU A 475 -14.78 -7.28 2.13
N LYS A 476 -14.54 -8.41 2.79
CA LYS A 476 -15.31 -8.89 3.93
C LYS A 476 -14.56 -8.75 5.21
N TYR A 477 -15.29 -8.41 6.27
CA TYR A 477 -14.70 -8.23 7.61
C TYR A 477 -15.28 -9.24 8.54
N GLU A 478 -14.39 -9.96 9.26
CA GLU A 478 -14.79 -10.98 10.26
C GLU A 478 -14.00 -10.75 11.52
N ARG A 479 -14.56 -11.17 12.66
CA ARG A 479 -13.87 -11.06 13.94
C ARG A 479 -13.92 -12.43 14.58
N PHE A 480 -12.85 -12.81 15.27
CA PHE A 480 -12.71 -14.11 15.91
C PHE A 480 -12.19 -13.95 17.32
N ASN A 481 -12.59 -14.81 18.25
N ASN A 481 -12.57 -14.92 18.17
CA ASN A 481 -11.85 -14.81 19.50
CA ASN A 481 -11.91 -15.14 19.46
C ASN A 481 -10.75 -15.85 19.31
C ASN A 481 -10.67 -15.96 19.23
N ILE A 482 -9.67 -15.74 20.05
CA ILE A 482 -8.50 -16.61 19.90
C ILE A 482 -8.80 -18.12 20.09
N ASP A 483 -9.69 -18.44 21.02
CA ASP A 483 -10.07 -19.84 21.21
C ASP A 483 -10.63 -20.50 19.93
N GLU A 484 -11.49 -19.79 19.19
CA GLU A 484 -11.98 -20.23 17.87
C GLU A 484 -10.90 -20.60 16.92
N LEU A 485 -9.81 -19.84 16.91
CA LEU A 485 -8.75 -20.03 15.91
C LEU A 485 -7.83 -21.17 16.26
N LYS A 486 -7.91 -21.61 17.54
CA LYS A 486 -7.02 -22.70 17.98
C LYS A 486 -7.49 -24.10 17.57
N VAL A 487 -7.35 -24.36 16.27
CA VAL A 487 -7.80 -25.56 15.60
C VAL A 487 -6.55 -26.22 15.08
N GLN A 488 -6.42 -27.50 15.35
CA GLN A 488 -5.36 -28.31 14.78
C GLN A 488 -6.16 -29.26 13.90
N PRO A 489 -6.17 -29.04 12.60
CA PRO A 489 -6.98 -29.88 11.68
C PRO A 489 -6.22 -31.18 11.28
#